data_5G36
#
_entry.id   5G36
#
_cell.length_a   103.000
_cell.length_b   103.000
_cell.length_c   136.450
_cell.angle_alpha   90.00
_cell.angle_beta   90.00
_cell.angle_gamma   120.00
#
_symmetry.space_group_name_H-M   'H 3 2'
#
loop_
_entity.id
_entity.type
_entity.pdbx_description
1 polymer HALORHODOPSIN
2 non-polymer RETINAL
3 non-polymer 'CHLORIDE ION'
4 non-polymer 'octyl beta-D-glucopyranoside'
5 water water
#
_entity_poly.entity_id   1
_entity_poly.type   'polypeptide(L)'
_entity_poly.pdbx_seq_one_letter_code
;AAAVRENALLSSSLWVNVALAGIAILVFVYMGRTIRPGRPRLIWGATLMIPLVSISSYLGLLSGLTVGMIEMPAGHALAG
EMVRSQWGRYLTWALSTPMILLALGLLADVDLGSLFTVIAADIGMCVTGLAAAMTTSALLFRWAFYAISCAFFVVVLSAL
VTDWAASASSAGTAEIFDTLRVLTVVLWLGYPIVWAVGVEGLALVQSVGVTSWAYSVLDVFAKYVFAFILLRWVANNERT
VAVAGQTLGTMSSDDHHHHHH
;
_entity_poly.pdbx_strand_id   A
#
loop_
_chem_comp.id
_chem_comp.type
_chem_comp.name
_chem_comp.formula
BOG D-saccharide 'octyl beta-D-glucopyranoside' 'C14 H28 O6'
CL non-polymer 'CHLORIDE ION' 'Cl -1'
RET non-polymer RETINAL 'C20 H28 O'
#
# COMPACT_ATOMS: atom_id res chain seq x y z
N ALA A 1 17.49 2.48 -26.99
CA ALA A 1 18.43 1.41 -26.69
C ALA A 1 17.91 0.53 -25.55
N ALA A 2 18.47 0.76 -24.35
CA ALA A 2 17.90 0.25 -23.11
C ALA A 2 17.66 1.36 -22.10
N ALA A 3 17.96 2.62 -22.43
CA ALA A 3 17.56 3.78 -21.65
C ALA A 3 16.29 4.43 -22.20
N VAL A 4 16.16 4.49 -23.53
CA VAL A 4 14.84 4.56 -24.15
C VAL A 4 13.91 3.55 -23.49
N ARG A 5 14.34 2.28 -23.48
CA ARG A 5 13.51 1.21 -22.95
C ARG A 5 13.26 1.40 -21.46
N GLU A 6 14.31 1.69 -20.69
CA GLU A 6 14.16 1.87 -19.25
C GLU A 6 13.27 3.07 -18.91
N ASN A 7 13.39 4.18 -19.64
CA ASN A 7 12.53 5.33 -19.33
C ASN A 7 11.09 5.10 -19.80
N ALA A 8 10.87 4.15 -20.71
CA ALA A 8 9.51 3.88 -21.15
C ALA A 8 8.78 2.99 -20.14
N LEU A 9 9.51 2.09 -19.47
CA LEU A 9 8.94 1.32 -18.37
C LEU A 9 8.53 2.24 -17.22
N LEU A 10 9.40 3.19 -16.87
CA LEU A 10 9.12 4.01 -15.70
C LEU A 10 7.89 4.87 -15.91
N SER A 11 7.86 5.65 -17.00
CA SER A 11 6.74 6.57 -17.19
C SER A 11 5.41 5.84 -17.34
N SER A 12 5.38 4.74 -18.12
CA SER A 12 4.13 4.00 -18.25
C SER A 12 3.66 3.44 -16.90
N SER A 13 4.57 2.93 -16.07
CA SER A 13 4.13 2.39 -14.78
C SER A 13 3.58 3.47 -13.85
N LEU A 14 3.98 4.73 -14.04
CA LEU A 14 3.38 5.81 -13.27
C LEU A 14 2.06 6.27 -13.90
N TRP A 15 2.05 6.49 -15.22
CA TRP A 15 0.84 7.03 -15.86
C TRP A 15 -0.34 6.06 -15.79
N VAL A 16 -0.07 4.75 -15.77
N VAL A 16 -0.07 4.75 -15.79
CA VAL A 16 -1.18 3.79 -15.74
CA VAL A 16 -1.18 3.80 -15.73
C VAL A 16 -1.96 3.94 -14.44
C VAL A 16 -1.95 3.98 -14.45
N ASN A 17 -1.24 4.12 -13.33
CA ASN A 17 -1.92 4.24 -12.05
C ASN A 17 -2.51 5.62 -11.84
N VAL A 18 -1.93 6.67 -12.44
CA VAL A 18 -2.64 7.95 -12.40
C VAL A 18 -4.00 7.80 -13.06
N ALA A 19 -4.04 7.01 -14.16
CA ALA A 19 -5.28 6.78 -14.89
C ALA A 19 -6.25 5.92 -14.09
N LEU A 20 -5.79 4.77 -13.61
CA LEU A 20 -6.70 3.85 -12.95
C LEU A 20 -7.15 4.37 -11.59
N ALA A 21 -6.27 5.04 -10.85
CA ALA A 21 -6.73 5.69 -9.63
C ALA A 21 -7.84 6.69 -9.92
N GLY A 22 -7.64 7.55 -10.94
CA GLY A 22 -8.65 8.53 -11.29
C GLY A 22 -9.97 7.90 -11.70
N ILE A 23 -9.93 6.87 -12.53
CA ILE A 23 -11.14 6.13 -12.87
C ILE A 23 -11.77 5.55 -11.61
N ALA A 24 -10.96 4.91 -10.77
CA ALA A 24 -11.46 4.32 -9.54
C ALA A 24 -12.16 5.36 -8.68
N ILE A 25 -11.59 6.57 -8.59
CA ILE A 25 -12.25 7.66 -7.87
C ILE A 25 -13.64 7.89 -8.47
N LEU A 26 -13.70 8.06 -9.78
CA LEU A 26 -14.97 8.33 -10.46
C LEU A 26 -15.96 7.19 -10.23
N VAL A 27 -15.51 5.95 -10.23
CA VAL A 27 -16.41 4.83 -10.06
C VAL A 27 -16.91 4.76 -8.62
N PHE A 28 -16.03 5.04 -7.66
CA PHE A 28 -16.44 4.94 -6.26
C PHE A 28 -17.37 6.09 -5.87
N VAL A 29 -17.14 7.29 -6.40
CA VAL A 29 -18.10 8.36 -6.17
C VAL A 29 -19.48 7.96 -6.71
N TYR A 30 -19.53 7.50 -7.96
CA TYR A 30 -20.76 6.98 -8.54
C TYR A 30 -21.42 5.96 -7.62
N MET A 31 -20.62 5.03 -7.10
CA MET A 31 -21.18 3.99 -6.25
C MET A 31 -21.71 4.54 -4.92
N GLY A 32 -21.14 5.63 -4.44
CA GLY A 32 -21.62 6.19 -3.18
C GLY A 32 -23.00 6.81 -3.26
N ARG A 33 -23.49 7.11 -4.47
CA ARG A 33 -24.81 7.71 -4.61
C ARG A 33 -25.92 6.74 -4.26
N THR A 34 -25.61 5.45 -4.08
CA THR A 34 -26.60 4.42 -3.82
C THR A 34 -26.49 3.84 -2.42
N ILE A 35 -25.68 4.44 -1.55
CA ILE A 35 -25.33 3.88 -0.24
C ILE A 35 -26.04 4.65 0.87
N ARG A 36 -26.63 3.92 1.80
CA ARG A 36 -27.42 4.51 2.88
C ARG A 36 -26.50 5.09 3.95
N PRO A 37 -26.88 6.21 4.57
CA PRO A 37 -26.06 6.78 5.64
C PRO A 37 -25.90 5.83 6.81
N GLY A 38 -24.84 6.06 7.59
CA GLY A 38 -24.49 5.19 8.70
C GLY A 38 -23.11 4.59 8.50
N ARG A 39 -22.89 3.44 9.15
CA ARG A 39 -21.69 2.63 8.96
C ARG A 39 -21.42 2.31 7.49
N PRO A 40 -22.44 2.13 6.62
CA PRO A 40 -22.14 1.98 5.19
C PRO A 40 -21.40 3.18 4.61
N ARG A 41 -22.02 4.37 4.67
CA ARG A 41 -21.42 5.58 4.11
C ARG A 41 -20.06 5.87 4.73
N LEU A 42 -19.84 5.47 5.98
CA LEU A 42 -18.56 5.72 6.62
C LEU A 42 -17.45 4.84 6.03
N ILE A 43 -17.76 3.58 5.72
CA ILE A 43 -16.80 2.72 5.03
C ILE A 43 -16.52 3.25 3.63
N TRP A 44 -17.57 3.73 2.95
CA TRP A 44 -17.42 4.29 1.61
C TRP A 44 -16.50 5.51 1.61
N GLY A 45 -16.66 6.41 2.56
CA GLY A 45 -15.81 7.59 2.61
C GLY A 45 -14.35 7.26 2.84
N ALA A 46 -14.08 6.34 3.77
CA ALA A 46 -12.72 5.88 3.99
C ALA A 46 -12.14 5.21 2.75
N THR A 47 -12.97 4.45 2.03
CA THR A 47 -12.50 3.73 0.85
C THR A 47 -12.17 4.69 -0.29
N LEU A 48 -13.02 5.72 -0.48
CA LEU A 48 -12.80 6.71 -1.52
C LEU A 48 -11.47 7.43 -1.35
N MET A 49 -11.01 7.54 -0.09
CA MET A 49 -9.73 8.17 0.21
C MET A 49 -8.56 7.36 -0.32
N ILE A 50 -8.72 6.05 -0.48
CA ILE A 50 -7.63 5.17 -0.94
C ILE A 50 -7.15 5.61 -2.32
N PRO A 51 -8.02 5.70 -3.35
CA PRO A 51 -7.50 6.11 -4.67
C PRO A 51 -7.19 7.59 -4.78
N LEU A 52 -7.76 8.45 -3.92
CA LEU A 52 -7.43 9.87 -3.95
C LEU A 52 -6.00 10.11 -3.44
N VAL A 53 -5.61 9.40 -2.38
CA VAL A 53 -4.20 9.41 -1.97
C VAL A 53 -3.32 8.83 -3.07
N SER A 54 -3.80 7.78 -3.75
CA SER A 54 -2.98 7.08 -4.72
C SER A 54 -2.67 7.95 -5.93
N ILE A 55 -3.68 8.67 -6.44
CA ILE A 55 -3.44 9.53 -7.60
C ILE A 55 -2.48 10.66 -7.23
N SER A 56 -2.56 11.16 -5.98
CA SER A 56 -1.65 12.21 -5.56
C SER A 56 -0.22 11.71 -5.53
N SER A 57 -0.04 10.50 -4.98
CA SER A 57 1.26 9.82 -4.97
C SER A 57 1.87 9.68 -6.37
N TYR A 58 1.09 9.18 -7.34
CA TYR A 58 1.69 8.99 -8.66
C TYR A 58 1.95 10.32 -9.35
N LEU A 59 1.10 11.32 -9.12
CA LEU A 59 1.41 12.67 -9.57
C LEU A 59 2.68 13.19 -8.90
N GLY A 60 2.89 12.83 -7.63
CA GLY A 60 4.13 13.19 -6.96
C GLY A 60 5.36 12.62 -7.64
N LEU A 61 5.34 11.32 -7.94
CA LEU A 61 6.48 10.67 -8.59
C LEU A 61 6.66 11.16 -10.02
N LEU A 62 5.54 11.28 -10.75
CA LEU A 62 5.57 11.73 -12.15
C LEU A 62 6.13 13.13 -12.27
N SER A 63 5.71 14.04 -11.40
CA SER A 63 6.17 15.42 -11.45
C SER A 63 7.62 15.58 -11.02
N GLY A 64 8.30 14.50 -10.62
CA GLY A 64 9.64 14.54 -10.11
C GLY A 64 9.76 14.98 -8.67
N LEU A 65 8.66 15.48 -8.10
CA LEU A 65 8.65 16.00 -6.74
C LEU A 65 9.24 15.00 -5.74
N THR A 66 8.81 13.74 -5.81
CA THR A 66 9.13 12.76 -4.78
C THR A 66 10.03 11.61 -5.31
N VAL A 67 11.00 11.95 -6.17
CA VAL A 67 11.98 11.02 -6.72
C VAL A 67 13.36 11.64 -6.56
N GLY A 68 14.35 10.82 -6.23
CA GLY A 68 15.73 11.29 -6.16
C GLY A 68 16.72 10.18 -6.49
N MET A 69 17.98 10.57 -6.64
CA MET A 69 19.06 9.60 -6.82
C MET A 69 19.70 9.29 -5.47
N ILE A 70 19.85 8.00 -5.17
CA ILE A 70 20.48 7.52 -3.96
C ILE A 70 21.73 6.75 -4.36
N GLU A 71 22.87 7.10 -3.76
CA GLU A 71 24.09 6.37 -4.04
C GLU A 71 24.09 5.09 -3.20
N MET A 72 24.31 3.95 -3.86
CA MET A 72 24.23 2.67 -3.18
C MET A 72 25.54 2.37 -2.46
N PRO A 73 25.47 1.80 -1.25
CA PRO A 73 26.68 1.56 -0.44
C PRO A 73 27.50 0.41 -0.98
N ALA A 74 28.74 0.32 -0.50
CA ALA A 74 29.60 -0.81 -0.81
C ALA A 74 28.91 -2.13 -0.48
N GLY A 75 29.17 -3.14 -1.30
CA GLY A 75 28.55 -4.45 -1.15
C GLY A 75 27.15 -4.54 -1.71
N HIS A 76 26.50 -3.41 -1.97
CA HIS A 76 25.27 -3.47 -2.75
C HIS A 76 25.62 -4.00 -4.13
N ALA A 77 24.65 -4.71 -4.74
CA ALA A 77 24.86 -5.19 -6.09
C ALA A 77 25.24 -4.06 -7.05
N LEU A 78 24.72 -2.85 -6.82
CA LEU A 78 24.99 -1.69 -7.65
C LEU A 78 25.82 -0.65 -6.89
N ALA A 79 26.74 -1.14 -6.07
CA ALA A 79 27.61 -0.32 -5.22
C ALA A 79 28.31 0.77 -6.03
N GLY A 80 28.19 2.01 -5.56
CA GLY A 80 28.83 3.13 -6.20
C GLY A 80 28.01 3.84 -7.25
N GLU A 81 26.76 3.45 -7.45
CA GLU A 81 25.94 4.01 -8.49
C GLU A 81 24.76 4.78 -7.91
N MET A 82 24.26 5.71 -8.71
CA MET A 82 23.08 6.50 -8.37
C MET A 82 21.88 5.88 -9.07
N VAL A 83 21.01 5.29 -8.30
CA VAL A 83 19.77 4.74 -8.80
C VAL A 83 18.70 5.75 -8.43
N ARG A 84 17.67 5.84 -9.27
CA ARG A 84 16.56 6.73 -8.96
C ARG A 84 15.64 6.03 -7.97
N SER A 85 15.45 6.65 -6.81
CA SER A 85 14.63 6.11 -5.74
C SER A 85 13.25 6.73 -5.81
N GLN A 86 12.22 5.90 -5.90
CA GLN A 86 10.84 6.36 -5.88
C GLN A 86 10.36 6.48 -4.44
N TRP A 87 11.09 7.28 -3.67
CA TRP A 87 10.82 7.39 -2.24
C TRP A 87 9.42 7.94 -1.97
N GLY A 88 8.85 8.70 -2.92
CA GLY A 88 7.46 9.12 -2.78
C GLY A 88 6.49 7.97 -2.54
N ARG A 89 6.82 6.77 -3.02
CA ARG A 89 5.97 5.62 -2.74
C ARG A 89 5.89 5.34 -1.24
N TYR A 90 7.02 5.40 -0.53
CA TYR A 90 7.00 5.16 0.91
C TYR A 90 6.21 6.24 1.61
N LEU A 91 6.45 7.50 1.25
CA LEU A 91 5.70 8.60 1.85
C LEU A 91 4.21 8.36 1.72
N THR A 92 3.75 8.00 0.54
CA THR A 92 2.31 7.98 0.39
C THR A 92 1.69 6.71 0.94
N TRP A 93 2.39 5.57 0.88
CA TRP A 93 1.91 4.41 1.62
C TRP A 93 1.57 4.77 3.07
N ALA A 94 2.31 5.72 3.64
CA ALA A 94 2.10 6.12 5.02
C ALA A 94 0.71 6.69 5.24
N LEU A 95 0.14 7.37 4.24
CA LEU A 95 -1.21 7.91 4.40
CA LEU A 95 -1.20 7.93 4.38
C LEU A 95 -2.28 7.06 3.75
N SER A 96 -1.92 6.23 2.78
CA SER A 96 -2.89 5.38 2.11
C SER A 96 -3.15 4.05 2.83
N THR A 97 -2.09 3.42 3.38
CA THR A 97 -2.35 2.14 4.05
C THR A 97 -3.15 2.31 5.34
N PRO A 98 -3.04 3.42 6.09
CA PRO A 98 -4.03 3.65 7.18
C PRO A 98 -5.45 3.79 6.69
N MET A 99 -5.66 4.39 5.51
CA MET A 99 -7.00 4.44 4.92
C MET A 99 -7.59 3.05 4.76
N ILE A 100 -6.81 2.12 4.17
CA ILE A 100 -7.23 0.72 4.07
C ILE A 100 -7.55 0.17 5.46
N LEU A 101 -6.62 0.35 6.40
CA LEU A 101 -6.83 -0.17 7.75
C LEU A 101 -8.04 0.46 8.39
N LEU A 102 -8.34 1.70 8.04
CA LEU A 102 -9.54 2.31 8.58
C LEU A 102 -10.78 1.64 8.01
N ALA A 103 -10.79 1.39 6.71
CA ALA A 103 -11.96 0.72 6.10
C ALA A 103 -12.17 -0.66 6.70
N LEU A 104 -11.11 -1.49 6.74
CA LEU A 104 -11.18 -2.82 7.35
C LEU A 104 -11.58 -2.76 8.80
N GLY A 105 -11.12 -1.74 9.52
CA GLY A 105 -11.43 -1.60 10.92
C GLY A 105 -12.86 -1.15 11.17
N LEU A 106 -13.39 -0.27 10.32
CA LEU A 106 -14.81 0.06 10.39
C LEU A 106 -15.66 -1.15 10.04
N LEU A 107 -15.29 -1.86 8.98
CA LEU A 107 -16.06 -3.02 8.57
C LEU A 107 -16.11 -4.06 9.67
N ALA A 108 -14.94 -4.43 10.20
CA ALA A 108 -14.91 -5.40 11.28
C ALA A 108 -15.40 -4.83 12.61
N ASP A 109 -15.59 -3.52 12.70
CA ASP A 109 -16.00 -2.86 13.93
C ASP A 109 -15.02 -3.13 15.07
N VAL A 110 -13.73 -3.03 14.75
CA VAL A 110 -12.66 -3.30 15.70
C VAL A 110 -12.72 -2.32 16.87
N ASP A 111 -12.00 -2.61 17.93
CA ASP A 111 -11.88 -1.63 19.00
C ASP A 111 -10.84 -0.58 18.66
N LEU A 112 -11.06 0.64 19.17
CA LEU A 112 -10.25 1.79 18.78
C LEU A 112 -8.83 1.66 19.30
N GLY A 113 -8.65 0.98 20.44
CA GLY A 113 -7.30 0.65 20.87
C GLY A 113 -6.55 -0.10 19.79
N SER A 114 -7.18 -1.14 19.23
CA SER A 114 -6.54 -1.89 18.15
C SER A 114 -6.30 -1.01 16.94
N LEU A 115 -7.25 -0.13 16.61
CA LEU A 115 -7.14 0.66 15.40
C LEU A 115 -5.91 1.56 15.44
N PHE A 116 -5.72 2.26 16.57
CA PHE A 116 -4.58 3.17 16.72
C PHE A 116 -3.24 2.42 16.66
N THR A 117 -3.16 1.27 17.33
CA THR A 117 -1.90 0.55 17.37
C THR A 117 -1.52 0.05 15.99
N VAL A 118 -2.49 -0.51 15.27
CA VAL A 118 -2.25 -1.02 13.91
C VAL A 118 -1.82 0.12 12.99
N ILE A 119 -2.56 1.23 13.03
CA ILE A 119 -2.20 2.34 12.17
C ILE A 119 -0.85 2.92 12.56
N ALA A 120 -0.55 2.93 13.87
CA ALA A 120 0.78 3.33 14.33
C ALA A 120 1.85 2.34 13.86
N ALA A 121 1.64 1.04 14.11
CA ALA A 121 2.56 0.04 13.59
C ALA A 121 2.69 0.15 12.08
N ASP A 122 1.58 0.42 11.40
CA ASP A 122 1.64 0.50 9.94
C ASP A 122 2.46 1.70 9.49
N ILE A 123 2.31 2.85 10.16
CA ILE A 123 3.10 4.03 9.83
C ILE A 123 4.57 3.80 10.16
N GLY A 124 4.84 3.06 11.24
CA GLY A 124 6.20 2.60 11.49
C GLY A 124 6.76 1.76 10.35
N MET A 125 6.00 0.76 9.91
CA MET A 125 6.41 -0.06 8.77
C MET A 125 6.80 0.82 7.58
N CYS A 126 5.94 1.78 7.24
CA CYS A 126 6.18 2.60 6.05
C CYS A 126 7.44 3.44 6.21
N VAL A 127 7.59 4.08 7.38
CA VAL A 127 8.65 5.05 7.56
C VAL A 127 10.01 4.37 7.59
N THR A 128 10.13 3.24 8.31
CA THR A 128 11.43 2.57 8.31
C THR A 128 11.76 1.98 6.94
N GLY A 129 10.74 1.63 6.14
CA GLY A 129 10.99 1.29 4.75
C GLY A 129 11.62 2.42 3.97
N LEU A 130 11.11 3.66 4.17
CA LEU A 130 11.72 4.84 3.59
C LEU A 130 13.15 5.02 4.08
N ALA A 131 13.38 4.89 5.40
CA ALA A 131 14.74 4.90 5.91
C ALA A 131 15.60 3.85 5.21
N ALA A 132 15.05 2.66 4.99
CA ALA A 132 15.80 1.60 4.29
C ALA A 132 16.21 2.05 2.90
N ALA A 133 15.31 2.68 2.14
CA ALA A 133 15.67 3.15 0.81
C ALA A 133 16.61 4.37 0.85
N MET A 134 16.49 5.24 1.85
CA MET A 134 17.29 6.47 1.85
C MET A 134 18.69 6.28 2.40
N THR A 135 18.95 5.19 3.13
CA THR A 135 20.23 4.99 3.78
C THR A 135 21.34 4.73 2.77
N THR A 136 22.39 5.54 2.82
CA THR A 136 23.52 5.42 1.92
C THR A 136 24.83 5.02 2.61
N SER A 137 24.92 5.21 3.93
CA SER A 137 26.20 5.13 4.62
C SER A 137 26.73 3.70 4.71
N ALA A 138 25.85 2.70 4.76
CA ALA A 138 26.27 1.33 4.97
C ALA A 138 25.13 0.39 4.59
N LEU A 139 25.49 -0.74 3.94
CA LEU A 139 24.50 -1.75 3.56
C LEU A 139 23.82 -2.37 4.77
N LEU A 140 24.52 -2.46 5.91
CA LEU A 140 23.97 -3.06 7.13
C LEU A 140 22.70 -2.35 7.58
N PHE A 141 22.76 -1.02 7.63
CA PHE A 141 21.60 -0.24 8.06
C PHE A 141 20.43 -0.40 7.11
N ARG A 142 20.70 -0.47 5.80
CA ARG A 142 19.61 -0.65 4.84
C ARG A 142 18.78 -1.88 5.18
N TRP A 143 19.44 -2.99 5.51
CA TRP A 143 18.69 -4.20 5.84
C TRP A 143 18.26 -4.26 7.29
N ALA A 144 19.03 -3.61 8.18
CA ALA A 144 18.53 -3.38 9.53
C ALA A 144 17.16 -2.71 9.48
N PHE A 145 17.07 -1.60 8.75
CA PHE A 145 15.79 -0.89 8.60
C PHE A 145 14.72 -1.78 7.97
N TYR A 146 15.14 -2.57 6.97
CA TYR A 146 14.25 -3.56 6.35
C TYR A 146 13.68 -4.53 7.40
N ALA A 147 14.55 -5.11 8.23
CA ALA A 147 14.09 -6.08 9.21
C ALA A 147 13.13 -5.43 10.22
N ILE A 148 13.44 -4.22 10.66
CA ILE A 148 12.59 -3.51 11.60
C ILE A 148 11.22 -3.24 10.98
N SER A 149 11.22 -2.78 9.74
CA SER A 149 9.99 -2.63 8.98
C SER A 149 9.17 -3.92 8.94
N CYS A 150 9.81 -5.06 8.65
CA CYS A 150 9.09 -6.34 8.69
C CYS A 150 8.49 -6.64 10.06
N ALA A 151 9.16 -6.20 11.15
CA ALA A 151 8.60 -6.37 12.48
C ALA A 151 7.28 -5.61 12.66
N PHE A 152 7.22 -4.36 12.17
CA PHE A 152 5.95 -3.62 12.19
C PHE A 152 4.91 -4.30 11.33
N PHE A 153 5.30 -4.70 10.11
CA PHE A 153 4.43 -5.50 9.25
C PHE A 153 3.83 -6.69 10.00
N VAL A 154 4.69 -7.44 10.73
CA VAL A 154 4.24 -8.61 11.49
C VAL A 154 3.22 -8.22 12.57
N VAL A 155 3.40 -7.04 13.17
CA VAL A 155 2.41 -6.55 14.12
C VAL A 155 1.08 -6.25 13.42
N VAL A 156 1.15 -5.74 12.20
CA VAL A 156 -0.07 -5.35 11.49
C VAL A 156 -0.86 -6.59 11.08
N LEU A 157 -0.16 -7.62 10.58
CA LEU A 157 -0.83 -8.83 10.12
C LEU A 157 -1.38 -9.62 11.29
N SER A 158 -0.63 -9.67 12.38
CA SER A 158 -1.07 -10.39 13.57
CA SER A 158 -1.08 -10.40 13.58
C SER A 158 -2.41 -9.86 14.06
N ALA A 159 -2.53 -8.52 14.17
CA ALA A 159 -3.79 -7.92 14.61
C ALA A 159 -4.93 -8.24 13.66
N LEU A 160 -4.62 -8.37 12.37
CA LEU A 160 -5.70 -8.66 11.42
C LEU A 160 -6.15 -10.11 11.54
N VAL A 161 -5.20 -11.06 11.56
CA VAL A 161 -5.56 -12.48 11.56
C VAL A 161 -6.12 -12.94 12.89
N THR A 162 -6.11 -12.08 13.91
CA THR A 162 -6.66 -12.43 15.22
C THR A 162 -7.69 -11.41 15.70
N ASP A 163 -7.20 -10.30 16.24
CA ASP A 163 -8.08 -9.37 16.95
CA ASP A 163 -8.06 -9.36 16.94
C ASP A 163 -9.16 -8.82 16.04
N TRP A 164 -8.79 -8.29 14.86
CA TRP A 164 -9.78 -7.71 13.96
C TRP A 164 -10.68 -8.78 13.36
N ALA A 165 -10.14 -9.96 13.07
CA ALA A 165 -10.97 -11.06 12.59
C ALA A 165 -12.00 -11.46 13.64
N ALA A 166 -11.58 -11.56 14.90
CA ALA A 166 -12.53 -11.83 15.98
C ALA A 166 -13.60 -10.75 16.06
N SER A 167 -13.22 -9.50 15.86
CA SER A 167 -14.20 -8.42 15.94
C SER A 167 -15.20 -8.49 14.79
N ALA A 168 -14.73 -8.84 13.59
CA ALA A 168 -15.65 -9.00 12.46
C ALA A 168 -16.60 -10.17 12.68
N SER A 169 -16.15 -11.19 13.43
CA SER A 169 -17.00 -12.35 13.69
C SER A 169 -18.18 -12.00 14.58
N SER A 170 -17.99 -11.09 15.53
CA SER A 170 -19.10 -10.62 16.35
C SER A 170 -19.70 -9.34 15.81
N ALA A 171 -19.31 -8.91 14.61
CA ALA A 171 -19.94 -7.80 13.93
C ALA A 171 -20.74 -8.25 12.71
N GLY A 172 -20.73 -9.54 12.40
CA GLY A 172 -21.47 -10.04 11.27
C GLY A 172 -20.83 -9.83 9.93
N THR A 173 -19.72 -9.10 9.86
CA THR A 173 -18.92 -9.02 8.66
C THR A 173 -17.83 -10.08 8.63
N ALA A 174 -17.96 -11.11 9.46
CA ALA A 174 -16.96 -12.17 9.58
C ALA A 174 -16.53 -12.72 8.24
N GLU A 175 -17.48 -12.95 7.34
CA GLU A 175 -17.16 -13.57 6.06
C GLU A 175 -16.46 -12.60 5.13
N ILE A 176 -17.02 -11.41 4.93
CA ILE A 176 -16.38 -10.46 4.02
C ILE A 176 -15.00 -10.06 4.55
N PHE A 177 -14.84 -9.97 5.87
CA PHE A 177 -13.52 -9.70 6.44
C PHE A 177 -12.54 -10.81 6.07
N ASP A 178 -12.98 -12.07 6.12
CA ASP A 178 -12.10 -13.17 5.77
C ASP A 178 -11.50 -12.97 4.38
N THR A 179 -12.34 -12.60 3.41
CA THR A 179 -11.90 -12.44 2.04
C THR A 179 -10.92 -11.27 1.90
N LEU A 180 -11.29 -10.10 2.42
CA LEU A 180 -10.38 -8.96 2.34
C LEU A 180 -9.07 -9.24 3.09
N ARG A 181 -9.15 -9.95 4.22
CA ARG A 181 -7.93 -10.22 4.99
C ARG A 181 -7.04 -11.23 4.30
N VAL A 182 -7.63 -12.22 3.62
CA VAL A 182 -6.82 -13.08 2.76
C VAL A 182 -6.19 -12.26 1.64
N LEU A 183 -6.96 -11.33 1.09
CA LEU A 183 -6.47 -10.50 0.00
C LEU A 183 -5.40 -9.52 0.48
N THR A 184 -5.47 -9.09 1.73
CA THR A 184 -4.51 -8.13 2.26
C THR A 184 -3.16 -8.78 2.58
N VAL A 185 -3.16 -9.94 3.24
CA VAL A 185 -1.88 -10.54 3.59
C VAL A 185 -1.13 -10.99 2.35
N VAL A 186 -1.84 -11.53 1.34
CA VAL A 186 -1.16 -11.97 0.14
C VAL A 186 -0.55 -10.79 -0.60
N LEU A 187 -1.36 -9.77 -0.92
CA LEU A 187 -0.79 -8.64 -1.66
C LEU A 187 0.24 -7.86 -0.85
N TRP A 188 -0.01 -7.61 0.43
CA TRP A 188 0.97 -6.83 1.21
C TRP A 188 2.32 -7.53 1.33
N LEU A 189 2.34 -8.88 1.37
CA LEU A 189 3.59 -9.63 1.34
C LEU A 189 4.38 -9.37 0.07
N GLY A 190 3.71 -8.98 -1.01
CA GLY A 190 4.41 -8.69 -2.25
C GLY A 190 5.38 -7.53 -2.14
N TYR A 191 5.04 -6.50 -1.32
CA TYR A 191 5.87 -5.30 -1.29
C TYR A 191 7.24 -5.56 -0.72
N PRO A 192 7.41 -6.13 0.48
CA PRO A 192 8.76 -6.48 0.93
C PRO A 192 9.44 -7.51 0.02
N ILE A 193 8.68 -8.29 -0.74
CA ILE A 193 9.29 -9.21 -1.71
C ILE A 193 9.83 -8.45 -2.91
N VAL A 194 9.06 -7.46 -3.40
CA VAL A 194 9.58 -6.60 -4.47
C VAL A 194 10.78 -5.79 -3.98
N TRP A 195 10.74 -5.33 -2.72
CA TRP A 195 11.88 -4.59 -2.16
C TRP A 195 13.15 -5.45 -2.17
N ALA A 196 13.08 -6.67 -1.61
CA ALA A 196 14.26 -7.52 -1.55
C ALA A 196 14.75 -7.93 -2.94
N VAL A 197 13.84 -8.42 -3.79
CA VAL A 197 14.22 -8.96 -5.09
C VAL A 197 14.74 -7.86 -6.02
N GLY A 198 14.21 -6.64 -5.90
CA GLY A 198 14.43 -5.59 -6.87
C GLY A 198 15.60 -4.68 -6.52
N VAL A 199 15.66 -3.57 -7.26
CA VAL A 199 16.89 -2.77 -7.37
C VAL A 199 17.35 -2.28 -6.02
N GLU A 200 16.43 -2.06 -5.07
CA GLU A 200 16.81 -1.39 -3.83
C GLU A 200 17.39 -2.35 -2.80
N GLY A 201 17.03 -3.64 -2.86
CA GLY A 201 17.55 -4.64 -1.96
C GLY A 201 18.64 -5.46 -2.60
N LEU A 202 18.33 -6.72 -2.91
CA LEU A 202 19.34 -7.61 -3.49
C LEU A 202 19.69 -7.20 -4.90
N ALA A 203 18.74 -6.61 -5.63
CA ALA A 203 18.95 -6.19 -7.01
C ALA A 203 19.20 -7.39 -7.92
N LEU A 204 18.47 -8.49 -7.64
CA LEU A 204 18.44 -9.59 -8.60
C LEU A 204 17.72 -9.17 -9.85
N VAL A 205 16.73 -8.29 -9.72
CA VAL A 205 16.19 -7.52 -10.84
C VAL A 205 16.69 -6.09 -10.68
N GLN A 206 17.46 -5.63 -11.65
CA GLN A 206 18.17 -4.36 -11.55
C GLN A 206 17.51 -3.20 -12.25
N SER A 207 16.50 -3.43 -13.09
CA SER A 207 15.80 -2.31 -13.71
C SER A 207 15.04 -1.49 -12.67
N VAL A 208 15.17 -0.18 -12.73
CA VAL A 208 14.28 0.62 -11.90
C VAL A 208 12.89 0.64 -12.51
N GLY A 209 12.81 0.66 -13.84
CA GLY A 209 11.54 0.45 -14.53
C GLY A 209 10.80 -0.78 -14.05
N VAL A 210 11.47 -1.94 -14.03
CA VAL A 210 10.77 -3.17 -13.71
C VAL A 210 10.26 -3.17 -12.28
N THR A 211 11.12 -2.85 -11.31
CA THR A 211 10.64 -2.88 -9.93
C THR A 211 9.53 -1.86 -9.73
N SER A 212 9.59 -0.75 -10.45
CA SER A 212 8.50 0.22 -10.38
C SER A 212 7.19 -0.38 -10.88
N TRP A 213 7.25 -1.11 -12.00
CA TRP A 213 6.06 -1.77 -12.52
C TRP A 213 5.54 -2.84 -11.56
N ALA A 214 6.44 -3.51 -10.84
CA ALA A 214 6.00 -4.50 -9.87
C ALA A 214 5.17 -3.84 -8.79
N TYR A 215 5.71 -2.77 -8.19
CA TYR A 215 4.92 -1.97 -7.25
C TYR A 215 3.59 -1.50 -7.88
N SER A 216 3.64 -0.97 -9.11
CA SER A 216 2.40 -0.49 -9.72
C SER A 216 1.35 -1.60 -9.86
N VAL A 217 1.77 -2.83 -10.22
CA VAL A 217 0.79 -3.93 -10.32
C VAL A 217 0.25 -4.27 -8.94
N LEU A 218 1.12 -4.28 -7.93
CA LEU A 218 0.63 -4.47 -6.57
C LEU A 218 -0.36 -3.38 -6.19
N ASP A 219 -0.08 -2.13 -6.56
CA ASP A 219 -1.00 -1.06 -6.20
C ASP A 219 -2.38 -1.29 -6.83
N VAL A 220 -2.42 -1.88 -8.02
CA VAL A 220 -3.71 -2.15 -8.66
C VAL A 220 -4.54 -3.11 -7.80
N PHE A 221 -3.95 -4.16 -7.27
CA PHE A 221 -4.80 -5.08 -6.52
C PHE A 221 -5.05 -4.59 -5.10
N ALA A 222 -4.03 -4.07 -4.42
CA ALA A 222 -4.12 -3.71 -3.02
C ALA A 222 -4.83 -2.38 -2.76
N LYS A 223 -4.92 -1.49 -3.75
CA LYS A 223 -5.75 -0.29 -3.60
C LYS A 223 -7.07 -0.37 -4.37
N TYR A 224 -7.03 -0.36 -5.71
CA TYR A 224 -8.27 -0.18 -6.47
C TYR A 224 -9.15 -1.43 -6.43
N VAL A 225 -8.58 -2.60 -6.72
CA VAL A 225 -9.41 -3.81 -6.76
C VAL A 225 -9.91 -4.14 -5.36
N PHE A 226 -9.01 -4.15 -4.38
CA PHE A 226 -9.40 -4.31 -2.97
C PHE A 226 -10.57 -3.38 -2.64
N ALA A 227 -10.43 -2.09 -2.97
CA ALA A 227 -11.46 -1.12 -2.62
C ALA A 227 -12.77 -1.44 -3.33
N PHE A 228 -12.68 -1.75 -4.62
CA PHE A 228 -13.85 -2.11 -5.41
C PHE A 228 -14.60 -3.31 -4.82
N ILE A 229 -13.88 -4.30 -4.31
CA ILE A 229 -14.54 -5.46 -3.71
C ILE A 229 -15.27 -5.05 -2.45
N LEU A 230 -14.60 -4.28 -1.59
CA LEU A 230 -15.22 -3.78 -0.37
C LEU A 230 -16.53 -3.05 -0.67
N LEU A 231 -16.49 -2.07 -1.56
CA LEU A 231 -17.69 -1.26 -1.81
C LEU A 231 -18.83 -2.13 -2.36
N ARG A 232 -18.52 -3.02 -3.30
CA ARG A 232 -19.56 -3.87 -3.88
C ARG A 232 -20.26 -4.70 -2.79
N TRP A 233 -19.48 -5.31 -1.89
CA TRP A 233 -20.08 -6.09 -0.83
C TRP A 233 -20.91 -5.20 0.08
N VAL A 234 -20.44 -3.98 0.32
CA VAL A 234 -21.13 -3.04 1.19
C VAL A 234 -22.47 -2.63 0.60
N ALA A 235 -22.48 -2.24 -0.68
CA ALA A 235 -23.73 -1.87 -1.32
C ALA A 235 -24.73 -3.04 -1.40
N ASN A 236 -24.28 -4.27 -1.18
CA ASN A 236 -25.12 -5.46 -1.19
C ASN A 236 -25.49 -5.96 0.21
N ASN A 237 -24.86 -5.44 1.26
CA ASN A 237 -25.03 -5.93 2.63
C ASN A 237 -25.22 -4.78 3.60
N GLU A 238 -26.03 -3.78 3.24
CA GLU A 238 -26.12 -2.59 4.07
C GLU A 238 -26.80 -2.84 5.43
N ARG A 239 -27.60 -3.90 5.56
CA ARG A 239 -28.19 -4.17 6.87
C ARG A 239 -27.13 -4.74 7.83
N THR A 240 -26.36 -5.74 7.37
CA THR A 240 -25.36 -6.39 8.21
C THR A 240 -24.40 -5.39 8.83
N VAL A 241 -24.08 -4.31 8.12
CA VAL A 241 -23.08 -3.36 8.59
C VAL A 241 -23.69 -2.33 9.52
N ALA A 242 -24.83 -1.74 9.15
CA ALA A 242 -25.43 -0.68 9.96
C ALA A 242 -26.06 -1.24 11.24
C1 RET B . 8.85 -2.32 2.64
C2 RET B . 10.34 -2.56 2.78
C3 RET B . 10.74 -2.97 4.20
C4 RET B . 10.03 -4.25 4.62
C5 RET B . 8.55 -4.15 4.38
C6 RET B . 8.01 -3.32 3.46
C7 RET B . 6.54 -3.45 3.28
C8 RET B . 5.75 -2.55 2.69
C9 RET B . 4.29 -2.72 2.52
C10 RET B . 3.65 -1.83 1.73
C11 RET B . 2.22 -1.90 1.50
C12 RET B . 1.77 -1.02 0.61
C13 RET B . 0.36 -0.89 0.20
C14 RET B . 0.05 0.12 -0.65
C15 RET B . -1.32 0.33 -1.09
C16 RET B . 8.60 -0.89 3.15
C17 RET B . 8.59 -2.43 1.13
C18 RET B . 7.67 -5.04 5.20
C19 RET B . 3.53 -3.83 3.18
C20 RET B . -0.67 -1.84 0.72
CL CL C . 0.26 5.70 -1.89
C1 BOG D . 22.91 -8.12 0.10
O1 BOG D . 22.90 -7.67 1.44
C2 BOG D . 22.82 -6.91 -0.84
O2 BOG D . 21.70 -6.09 -0.49
C3 BOG D . 22.77 -7.35 -2.27
O3 BOG D . 22.64 -6.23 -3.21
C4 BOG D . 23.93 -8.18 -2.65
O4 BOG D . 23.63 -8.88 -3.90
C5 BOG D . 24.35 -9.24 -1.62
O5 BOG D . 24.14 -8.89 -0.19
C6 BOG D . 25.78 -9.56 -1.79
O6 BOG D . 26.21 -9.26 -3.07
C1' BOG D . 22.99 -8.64 2.50
C2' BOG D . 21.68 -9.51 2.55
C3' BOG D . 20.81 -9.08 3.76
C4' BOG D . 19.57 -9.97 3.89
C5' BOG D . 19.03 -10.39 2.46
C6' BOG D . 17.84 -11.37 2.63
C7' BOG D . 16.59 -10.61 3.16
C8' BOG D . 15.32 -11.10 2.46
#